data_1TE1
#
_entry.id   1TE1
#
_cell.length_a   98.748
_cell.length_b   98.748
_cell.length_c   112.095
_cell.angle_alpha   90.00
_cell.angle_beta   90.00
_cell.angle_gamma   90.00
#
_symmetry.space_group_name_H-M   'P 43 21 2'
#
loop_
_entity.id
_entity.type
_entity.pdbx_description
1 polymer 'xylanase inhibitor protein I'
2 polymer endo-1,4-xylanase
3 non-polymer 2-acetamido-2-deoxy-beta-D-glucopyranose
4 non-polymer 1,2-ETHANEDIOL
5 water water
#
loop_
_entity_poly.entity_id
_entity_poly.type
_entity_poly.pdbx_seq_one_letter_code
_entity_poly.pdbx_strand_id
1 'polypeptide(L)'
;AGGKTGQVTVFWGRNKAEGSLREACDSGMYTMVTMSFLDVFGANGKYHLDLSGHDLSSVGADIKHCQSKGVPVSLSIGGY
GTGYSLPSNRSALDLFDHLWNSYFGGSKPSVPRPFGDAWLDGVDLFLEHGTPADRYDVLALELAKHNIRGGPGKPLHLTA
TVRCGYPPAAHVGRALATGIFERVHVRTYESDKWCNQNLGWEGSWDKWTAAYPATRFYVGLTADDKSHQWVHPKNVYYGV
APVAQKKDNYGGIMLWDRYFDKQTNYSSLIKYYA
;
A
2 'polypeptide(L)'
;QSITTSQTGTNNGYYYSFWTNGGGEVTYTNGDNGEYSVTWVDCGDFTSGKGWNPANAQTVTYSGEFNPSGNAYLAVYGWT
TDPLVEYYILESYGTYNPSSGLTSLGQVTSDGGTYDIYSTQRVNQPSIEGTSTFNQYWSVRTEKRVGGTVTTANHFAAWK
ALGLEMGTYNYMIVSTEGYESSGSSTITVS
;
B
#
# COMPACT_ATOMS: atom_id res chain seq x y z
N ALA A 1 -10.97 14.59 -14.06
CA ALA A 1 -9.66 15.29 -13.86
C ALA A 1 -8.96 14.77 -12.61
N GLY A 2 -9.64 14.86 -11.47
CA GLY A 2 -9.15 14.31 -10.21
C GLY A 2 -7.84 14.92 -9.70
N GLY A 3 -7.91 15.61 -8.57
CA GLY A 3 -6.76 16.37 -8.05
C GLY A 3 -6.20 15.93 -6.72
N LYS A 4 -6.29 16.82 -5.73
CA LYS A 4 -5.50 16.73 -4.50
C LYS A 4 -5.61 15.40 -3.74
N THR A 5 -4.46 14.81 -3.40
CA THR A 5 -4.37 13.54 -2.68
C THR A 5 -3.81 13.66 -1.25
N GLY A 6 -3.14 14.78 -0.97
CA GLY A 6 -2.51 14.99 0.32
C GLY A 6 -1.30 14.10 0.58
N GLN A 7 -0.76 13.51 -0.50
CA GLN A 7 0.36 12.58 -0.41
C GLN A 7 1.66 13.29 -0.76
N VAL A 8 2.67 13.15 0.12
CA VAL A 8 4.01 13.69 -0.13
C VAL A 8 5.05 12.64 0.21
N THR A 9 5.76 12.14 -0.79
CA THR A 9 6.85 11.20 -0.55
C THR A 9 8.19 11.93 -0.51
N VAL A 10 8.99 11.65 0.51
CA VAL A 10 10.28 12.27 0.67
C VAL A 10 11.36 11.19 0.71
N PHE A 11 12.47 11.43 0.03
CA PHE A 11 13.62 10.53 0.11
C PHE A 11 14.44 10.83 1.37
N TRP A 12 15.20 9.85 1.81
CA TRP A 12 15.99 9.97 3.03
C TRP A 12 17.21 9.08 2.89
N GLY A 13 18.32 9.51 3.49
CA GLY A 13 19.52 8.70 3.58
C GLY A 13 20.78 9.27 2.98
N ARG A 14 20.68 10.44 2.36
CA ARG A 14 21.75 11.02 1.54
C ARG A 14 22.72 11.88 2.33
N ASN A 15 22.45 12.08 3.63
CA ASN A 15 23.36 12.79 4.51
C ASN A 15 22.94 12.64 5.98
N LYS A 16 23.87 12.14 6.81
CA LYS A 16 23.58 11.87 8.22
C LYS A 16 22.98 13.08 8.94
N ALA A 17 23.44 14.28 8.62
CA ALA A 17 23.03 15.50 9.31
C ALA A 17 21.59 15.96 9.04
N GLU A 18 20.85 15.18 8.24
CA GLU A 18 19.43 15.44 8.01
C GLU A 18 18.53 14.95 9.16
N GLY A 19 19.13 14.26 10.14
CA GLY A 19 18.41 13.77 11.30
C GLY A 19 17.77 12.43 11.02
N SER A 20 17.42 11.72 12.09
CA SER A 20 16.93 10.33 12.00
C SER A 20 15.70 10.15 11.11
N LEU A 21 15.37 8.87 10.91
CA LEU A 21 14.15 8.52 10.23
C LEU A 21 12.91 8.89 11.08
N ARG A 22 13.02 8.77 12.40
CA ARG A 22 11.89 9.09 13.30
C ARG A 22 11.58 10.59 13.37
N GLU A 23 12.64 11.38 13.22
CA GLU A 23 12.51 12.82 13.19
C GLU A 23 11.77 13.24 11.92
N ALA A 24 12.14 12.61 10.79
CA ALA A 24 11.46 12.87 9.55
C ALA A 24 9.96 12.60 9.74
N CYS A 25 9.64 11.44 10.30
CA CYS A 25 8.25 10.96 10.38
C CYS A 25 7.40 11.82 11.29
N ASP A 26 8.00 12.33 12.35
CA ASP A 26 7.27 13.10 13.35
C ASP A 26 7.10 14.57 12.93
N SER A 27 7.75 14.97 11.84
CA SER A 27 7.54 16.29 11.27
C SER A 27 6.08 16.51 10.86
N GLY A 28 5.36 15.42 10.56
CA GLY A 28 3.98 15.50 10.10
C GLY A 28 3.90 16.17 8.75
N MET A 29 4.94 15.98 7.94
CA MET A 29 5.06 16.63 6.63
C MET A 29 5.01 15.64 5.47
N TYR A 30 5.16 14.35 5.79
CA TYR A 30 5.25 13.30 4.77
C TYR A 30 4.30 12.12 5.01
N THR A 31 3.72 11.62 3.93
CA THR A 31 2.91 10.41 3.98
C THR A 31 3.67 9.15 3.57
N MET A 32 4.93 9.30 3.19
CA MET A 32 5.79 8.14 2.90
C MET A 32 7.26 8.57 2.87
N VAL A 33 8.10 7.84 3.58
CA VAL A 33 9.54 8.11 3.53
C VAL A 33 10.22 6.96 2.81
N THR A 34 11.02 7.29 1.80
CA THR A 34 11.76 6.31 1.04
C THR A 34 13.23 6.44 1.42
N MET A 35 13.74 5.44 2.14
CA MET A 35 15.16 5.34 2.42
C MET A 35 15.95 5.12 1.13
N SER A 36 17.23 5.42 1.20
CA SER A 36 18.04 5.62 0.01
C SER A 36 19.54 5.47 0.33
N PHE A 37 20.33 4.63 -0.36
CA PHE A 37 19.95 3.69 -1.43
C PHE A 37 20.58 2.34 -1.12
N LEU A 38 20.01 1.26 -1.65
CA LEU A 38 20.73 -0.01 -1.73
C LEU A 38 21.59 0.09 -2.98
N ASP A 39 22.79 0.62 -2.82
CA ASP A 39 23.60 1.06 -3.95
C ASP A 39 24.51 0.00 -4.57
N VAL A 40 24.48 -1.23 -4.05
CA VAL A 40 25.18 -2.35 -4.69
C VAL A 40 24.33 -3.62 -4.70
N PHE A 41 24.25 -4.24 -5.88
CA PHE A 41 23.56 -5.51 -6.08
C PHE A 41 23.84 -6.02 -7.49
N GLY A 42 23.88 -7.34 -7.68
CA GLY A 42 24.30 -7.92 -8.95
C GLY A 42 24.34 -9.42 -9.01
N ALA A 43 25.18 -9.95 -9.91
CA ALA A 43 25.24 -11.39 -10.16
C ALA A 43 26.18 -12.12 -9.18
N ASN A 44 26.05 -11.77 -7.91
CA ASN A 44 26.87 -12.33 -6.83
C ASN A 44 26.18 -12.07 -5.49
N GLY A 45 26.81 -12.50 -4.40
CA GLY A 45 26.25 -12.30 -3.07
C GLY A 45 26.52 -10.91 -2.50
N LYS A 46 27.04 -9.99 -3.32
CA LYS A 46 27.43 -8.68 -2.82
C LYS A 46 26.26 -7.69 -2.83
N TYR A 47 25.94 -7.22 -1.63
CA TYR A 47 24.88 -6.23 -1.40
C TYR A 47 25.43 -5.15 -0.49
N HIS A 48 25.01 -3.91 -0.70
CA HIS A 48 25.44 -2.81 0.16
C HIS A 48 24.34 -1.79 0.32
N LEU A 49 24.15 -1.36 1.57
CA LEU A 49 23.20 -0.33 1.90
C LEU A 49 23.99 0.92 2.27
N ASP A 50 23.83 1.96 1.47
CA ASP A 50 24.41 3.26 1.78
C ASP A 50 23.34 4.17 2.38
N LEU A 51 23.50 4.52 3.65
CA LEU A 51 22.66 5.54 4.27
C LEU A 51 23.54 6.71 4.74
N SER A 52 24.72 6.86 4.15
CA SER A 52 25.56 8.05 4.30
C SER A 52 26.01 8.26 5.73
N GLY A 53 26.49 7.19 6.37
CA GLY A 53 26.93 7.22 7.76
C GLY A 53 25.80 7.44 8.73
N HIS A 54 24.57 7.13 8.30
CA HIS A 54 23.41 7.37 9.13
C HIS A 54 23.41 6.37 10.28
N ASP A 55 22.96 6.89 11.41
CA ASP A 55 22.73 6.13 12.62
C ASP A 55 21.84 4.92 12.32
N LEU A 56 22.48 3.77 12.10
CA LEU A 56 21.80 2.53 11.75
C LEU A 56 20.98 1.98 12.92
N SER A 57 21.53 2.12 14.12
CA SER A 57 20.93 1.56 15.32
C SER A 57 19.75 2.39 15.84
N SER A 58 19.31 3.36 15.06
CA SER A 58 18.07 4.08 15.31
C SER A 58 16.96 3.60 14.38
N VAL A 59 17.29 3.44 13.10
CA VAL A 59 16.28 3.32 12.03
C VAL A 59 15.25 2.19 12.18
N GLY A 60 15.64 1.04 12.70
CA GLY A 60 14.70 -0.05 12.94
C GLY A 60 13.50 0.28 13.83
N ALA A 61 13.75 0.80 15.03
CA ALA A 61 12.67 1.25 15.90
C ALA A 61 11.89 2.41 15.28
N ASP A 62 12.59 3.24 14.49
CA ASP A 62 11.98 4.39 13.83
C ASP A 62 11.05 3.98 12.69
N ILE A 63 11.38 2.88 12.01
CA ILE A 63 10.51 2.31 11.00
C ILE A 63 9.17 1.96 11.63
N LYS A 64 9.22 1.24 12.75
CA LYS A 64 8.01 0.80 13.45
C LYS A 64 7.24 1.98 14.00
N HIS A 65 7.97 2.98 14.49
CA HIS A 65 7.34 4.19 15.05
C HIS A 65 6.68 5.01 13.94
N CYS A 66 7.32 5.01 12.77
CA CYS A 66 6.78 5.62 11.57
C CYS A 66 5.46 4.96 11.15
N GLN A 67 5.44 3.64 11.16
CA GLN A 67 4.28 2.87 10.72
C GLN A 67 3.10 3.09 11.67
N SER A 68 3.38 3.20 12.97
CA SER A 68 2.33 3.39 13.97
C SER A 68 1.62 4.72 13.72
N LYS A 69 2.39 5.69 13.23
CA LYS A 69 1.91 7.06 13.07
C LYS A 69 1.36 7.31 11.67
N GLY A 70 1.34 6.28 10.84
CA GLY A 70 0.66 6.32 9.55
C GLY A 70 1.56 6.65 8.39
N VAL A 71 2.87 6.67 8.63
CA VAL A 71 3.86 6.93 7.59
C VAL A 71 4.62 5.63 7.23
N PRO A 72 4.26 4.99 6.11
CA PRO A 72 4.99 3.81 5.66
C PRO A 72 6.41 4.16 5.19
N VAL A 73 7.29 3.16 5.15
CA VAL A 73 8.70 3.37 4.79
C VAL A 73 9.11 2.36 3.73
N SER A 74 9.72 2.83 2.64
CA SER A 74 10.26 1.92 1.63
C SER A 74 11.75 2.12 1.50
N LEU A 75 12.38 1.19 0.80
CA LEU A 75 13.80 1.28 0.50
C LEU A 75 13.95 1.39 -1.01
N SER A 76 14.68 2.41 -1.45
CA SER A 76 15.01 2.58 -2.87
C SER A 76 16.31 1.86 -3.14
N ILE A 77 16.42 1.27 -4.32
CA ILE A 77 17.61 0.59 -4.76
C ILE A 77 18.15 1.27 -6.01
N GLY A 78 19.47 1.22 -6.18
CA GLY A 78 20.12 1.79 -7.35
C GLY A 78 20.89 3.03 -6.96
N GLY A 79 20.44 4.18 -7.47
CA GLY A 79 21.09 5.46 -7.23
C GLY A 79 21.91 5.94 -8.42
N TYR A 80 22.81 6.88 -8.17
CA TYR A 80 23.57 7.55 -9.23
C TYR A 80 24.89 6.85 -9.55
N GLY A 81 25.23 5.82 -8.79
CA GLY A 81 26.46 5.07 -9.03
C GLY A 81 26.31 4.04 -10.12
N THR A 82 27.41 3.39 -10.48
CA THR A 82 27.40 2.29 -11.43
C THR A 82 27.80 0.96 -10.77
N GLY A 83 27.57 0.86 -9.47
CA GLY A 83 27.91 -0.31 -8.70
C GLY A 83 26.82 -1.35 -8.59
N TYR A 84 25.76 -1.21 -9.39
CA TYR A 84 24.68 -2.20 -9.40
C TYR A 84 24.24 -2.58 -10.81
N SER A 85 23.65 -3.77 -10.90
CA SER A 85 23.16 -4.35 -12.15
C SER A 85 22.23 -5.48 -11.74
N LEU A 86 21.38 -5.91 -12.66
CA LEU A 86 20.54 -7.07 -12.43
C LEU A 86 20.42 -7.89 -13.71
N PRO A 87 21.55 -8.41 -14.20
CA PRO A 87 21.65 -8.92 -15.57
C PRO A 87 21.01 -10.29 -15.82
N SER A 88 20.34 -10.87 -14.83
CA SER A 88 19.59 -12.11 -15.02
C SER A 88 18.37 -12.26 -14.11
N ASN A 89 17.56 -13.24 -14.44
CA ASN A 89 16.40 -13.64 -13.64
C ASN A 89 16.85 -14.15 -12.28
N ARG A 90 17.93 -14.94 -12.27
CA ARG A 90 18.45 -15.49 -11.03
C ARG A 90 19.06 -14.38 -10.16
N SER A 91 19.63 -13.39 -10.81
CA SER A 91 20.15 -12.21 -10.13
C SER A 91 19.01 -11.46 -9.44
N ALA A 92 17.84 -11.45 -10.08
CA ALA A 92 16.65 -10.76 -9.59
C ALA A 92 15.99 -11.45 -8.39
N LEU A 93 16.01 -12.78 -8.39
CA LEU A 93 15.43 -13.54 -7.29
C LEU A 93 16.35 -13.51 -6.08
N ASP A 94 17.65 -13.45 -6.30
CA ASP A 94 18.62 -13.27 -5.22
C ASP A 94 18.39 -11.91 -4.57
N LEU A 95 18.15 -10.90 -5.41
CA LEU A 95 17.87 -9.55 -4.92
C LEU A 95 16.60 -9.57 -4.07
N PHE A 96 15.54 -10.21 -4.57
CA PHE A 96 14.30 -10.29 -3.81
C PHE A 96 14.56 -10.93 -2.45
N ASP A 97 15.21 -12.10 -2.48
CA ASP A 97 15.52 -12.88 -1.30
C ASP A 97 16.28 -12.05 -0.26
N HIS A 98 17.25 -11.26 -0.72
CA HIS A 98 18.10 -10.48 0.18
C HIS A 98 17.26 -9.40 0.82
N LEU A 99 16.57 -8.64 -0.02
CA LEU A 99 15.60 -7.61 0.38
C LEU A 99 14.61 -8.16 1.41
N TRP A 100 14.09 -9.34 1.11
CA TRP A 100 13.00 -9.93 1.86
C TRP A 100 13.47 -10.41 3.24
N ASN A 101 14.60 -11.10 3.27
CA ASN A 101 15.16 -11.66 4.50
C ASN A 101 15.98 -10.67 5.33
N SER A 102 16.27 -9.48 4.77
CA SER A 102 17.02 -8.43 5.48
C SER A 102 16.11 -7.36 6.07
N TYR A 103 15.11 -6.96 5.29
CA TYR A 103 14.28 -5.79 5.62
C TYR A 103 12.77 -6.03 5.63
N PHE A 104 12.29 -7.13 5.05
CA PHE A 104 10.85 -7.45 5.06
C PHE A 104 10.53 -8.65 5.96
N GLY A 105 9.65 -9.54 5.51
CA GLY A 105 9.04 -10.54 6.37
C GLY A 105 9.80 -11.83 6.55
N GLY A 106 10.88 -12.01 5.79
CA GLY A 106 11.68 -13.22 5.87
C GLY A 106 12.63 -13.25 7.05
N SER A 107 13.01 -14.47 7.46
CA SER A 107 13.96 -14.66 8.57
C SER A 107 14.81 -15.92 8.37
N LYS A 108 16.10 -15.73 8.11
CA LYS A 108 17.04 -16.81 7.87
C LYS A 108 18.30 -16.58 8.72
N PRO A 109 18.72 -17.56 9.52
CA PRO A 109 20.01 -17.51 10.24
C PRO A 109 21.16 -16.83 9.49
N SER A 110 21.43 -17.25 8.26
CA SER A 110 22.60 -16.78 7.50
C SER A 110 22.47 -15.39 6.85
N VAL A 111 21.40 -14.66 7.16
CA VAL A 111 21.14 -13.34 6.60
C VAL A 111 20.75 -12.34 7.71
N PRO A 112 21.62 -11.39 8.01
CA PRO A 112 21.36 -10.44 9.10
C PRO A 112 20.25 -9.43 8.76
N ARG A 113 19.67 -8.85 9.82
CA ARG A 113 18.61 -7.88 9.69
C ARG A 113 19.05 -6.58 10.34
N PRO A 114 19.59 -5.65 9.57
CA PRO A 114 20.07 -4.37 10.10
C PRO A 114 19.05 -3.61 10.95
N PHE A 115 17.76 -3.71 10.61
CA PHE A 115 16.73 -2.93 11.30
C PHE A 115 15.86 -3.79 12.22
N GLY A 116 16.41 -4.90 12.72
CA GLY A 116 15.66 -5.82 13.57
C GLY A 116 14.35 -6.31 12.95
N ASP A 117 13.39 -6.60 13.81
CA ASP A 117 12.08 -7.15 13.38
C ASP A 117 11.20 -6.18 12.58
N ALA A 118 11.68 -4.95 12.35
CA ALA A 118 10.99 -3.99 11.48
C ALA A 118 10.84 -4.52 10.04
N TRP A 119 9.67 -4.27 9.45
CA TRP A 119 9.27 -4.88 8.20
C TRP A 119 8.84 -3.74 7.27
N LEU A 120 9.61 -3.54 6.20
CA LEU A 120 9.42 -2.38 5.34
C LEU A 120 8.15 -2.46 4.52
N ASP A 121 7.70 -1.29 4.07
CA ASP A 121 6.41 -1.14 3.41
C ASP A 121 6.46 -1.04 1.90
N GLY A 122 7.64 -1.17 1.30
CA GLY A 122 7.76 -1.03 -0.15
C GLY A 122 9.18 -1.00 -0.67
N VAL A 123 9.29 -1.01 -1.99
CA VAL A 123 10.57 -0.94 -2.68
C VAL A 123 10.46 0.08 -3.81
N ASP A 124 11.49 0.90 -3.96
CA ASP A 124 11.56 1.85 -5.05
C ASP A 124 12.75 1.55 -5.96
N LEU A 125 12.56 1.77 -7.25
CA LEU A 125 13.57 1.47 -8.25
C LEU A 125 14.08 2.79 -8.79
N PHE A 126 15.31 3.17 -8.39
CA PHE A 126 15.99 4.41 -8.80
C PHE A 126 17.13 4.00 -9.75
N LEU A 127 16.80 3.72 -11.00
CA LEU A 127 17.67 2.96 -11.87
C LEU A 127 18.35 3.85 -12.91
N GLU A 128 19.25 4.71 -12.43
CA GLU A 128 20.03 5.60 -13.29
C GLU A 128 20.76 4.86 -14.39
N HIS A 129 21.27 3.69 -14.05
CA HIS A 129 22.15 2.97 -14.94
C HIS A 129 21.69 1.53 -15.10
N GLY A 130 21.65 1.08 -16.34
CA GLY A 130 21.25 -0.28 -16.66
C GLY A 130 21.38 -0.57 -18.13
N THR A 131 21.08 -1.81 -18.50
CA THR A 131 21.05 -2.22 -19.90
C THR A 131 19.76 -2.97 -20.18
N PRO A 132 19.48 -3.26 -21.45
CA PRO A 132 18.36 -4.13 -21.80
C PRO A 132 18.44 -5.56 -21.25
N ALA A 133 19.60 -5.98 -20.75
CA ALA A 133 19.76 -7.33 -20.19
C ALA A 133 19.31 -7.43 -18.73
N ASP A 134 19.00 -6.29 -18.12
CA ASP A 134 18.53 -6.28 -16.74
C ASP A 134 17.13 -6.87 -16.66
N ARG A 135 16.82 -7.47 -15.51
CA ARG A 135 15.57 -8.19 -15.31
C ARG A 135 14.89 -7.66 -14.05
N TYR A 136 14.71 -6.34 -14.04
CA TYR A 136 13.92 -5.67 -13.02
C TYR A 136 12.43 -6.03 -13.13
N ASP A 137 12.00 -6.50 -14.29
CA ASP A 137 10.67 -7.07 -14.43
C ASP A 137 10.47 -8.29 -13.51
N VAL A 138 11.50 -9.13 -13.39
CA VAL A 138 11.45 -10.31 -12.53
C VAL A 138 11.37 -9.89 -11.05
N LEU A 139 12.16 -8.88 -10.68
CA LEU A 139 12.16 -8.34 -9.32
C LEU A 139 10.79 -7.78 -8.98
N ALA A 140 10.21 -7.06 -9.93
CA ALA A 140 8.95 -6.34 -9.70
C ALA A 140 7.76 -7.26 -9.49
N LEU A 141 7.74 -8.37 -10.24
CA LEU A 141 6.65 -9.34 -10.19
C LEU A 141 6.70 -10.16 -8.91
N GLU A 142 7.91 -10.41 -8.41
CA GLU A 142 8.09 -11.15 -7.17
C GLU A 142 7.69 -10.28 -5.98
N LEU A 143 8.15 -9.04 -5.98
CA LEU A 143 7.76 -8.06 -4.99
C LEU A 143 6.23 -7.89 -4.91
N ALA A 144 5.57 -7.93 -6.06
CA ALA A 144 4.13 -7.72 -6.15
C ALA A 144 3.34 -8.86 -5.54
N LYS A 145 3.90 -10.06 -5.58
CA LYS A 145 3.30 -11.20 -4.88
C LYS A 145 3.20 -10.99 -3.37
N HIS A 146 3.95 -10.01 -2.83
CA HIS A 146 3.97 -9.73 -1.40
C HIS A 146 3.33 -8.38 -1.05
N ASN A 147 2.50 -7.89 -1.96
CA ASN A 147 1.68 -6.71 -1.74
C ASN A 147 0.33 -7.24 -1.25
N ILE A 148 0.25 -7.46 0.07
CA ILE A 148 -0.81 -8.29 0.66
C ILE A 148 -1.85 -7.50 1.43
N ARG A 149 -3.11 -7.85 1.20
CA ARG A 149 -4.25 -7.34 1.96
C ARG A 149 -5.16 -8.52 2.27
N GLY A 150 -5.60 -8.63 3.52
CA GLY A 150 -6.51 -9.68 3.94
C GLY A 150 -5.84 -11.03 4.12
N GLY A 151 -4.52 -11.02 4.26
CA GLY A 151 -3.73 -12.22 4.43
C GLY A 151 -2.43 -11.96 5.17
N PRO A 152 -1.68 -13.03 5.47
CA PRO A 152 -0.50 -12.95 6.36
C PRO A 152 0.65 -12.19 5.73
N GLY A 153 0.64 -10.89 5.94
CA GLY A 153 1.56 -9.99 5.30
C GLY A 153 1.11 -8.54 5.47
N LYS A 154 1.65 -7.67 4.63
CA LYS A 154 1.26 -6.27 4.63
C LYS A 154 1.42 -5.69 3.23
N PRO A 155 0.80 -4.56 2.95
CA PRO A 155 1.02 -3.90 1.66
C PRO A 155 2.49 -3.66 1.40
N LEU A 156 2.87 -3.84 0.14
CA LEU A 156 4.18 -3.47 -0.35
C LEU A 156 3.98 -2.47 -1.48
N HIS A 157 4.48 -1.25 -1.30
CA HIS A 157 4.30 -0.19 -2.27
C HIS A 157 5.45 -0.21 -3.27
N LEU A 158 5.18 -0.74 -4.47
CA LEU A 158 6.22 -0.89 -5.50
C LEU A 158 6.21 0.35 -6.37
N THR A 159 7.36 0.99 -6.50
CA THR A 159 7.47 2.27 -7.20
C THR A 159 8.74 2.34 -8.04
N ALA A 160 8.81 3.34 -8.91
CA ALA A 160 10.03 3.65 -9.66
C ALA A 160 10.26 5.15 -9.63
N THR A 161 11.49 5.56 -9.35
CA THR A 161 11.85 6.97 -9.46
C THR A 161 12.65 7.17 -10.73
N VAL A 162 12.05 7.86 -11.70
CA VAL A 162 12.57 7.90 -13.05
C VAL A 162 12.99 9.31 -13.43
N ARG A 163 13.90 9.40 -14.39
CA ARG A 163 14.23 10.68 -15.01
C ARG A 163 13.03 11.26 -15.76
N CYS A 164 13.05 12.58 -15.93
CA CYS A 164 11.96 13.29 -16.56
C CYS A 164 11.67 12.73 -17.95
N GLY A 165 12.73 12.42 -18.68
CA GLY A 165 12.61 11.97 -20.06
C GLY A 165 11.70 10.78 -20.25
N TYR A 166 10.70 10.95 -21.12
CA TYR A 166 9.93 9.86 -21.69
C TYR A 166 10.25 9.78 -23.18
N PRO A 167 10.47 8.60 -23.75
CA PRO A 167 10.32 7.31 -23.06
C PRO A 167 11.54 6.90 -22.23
N PRO A 168 11.35 6.06 -21.23
CA PRO A 168 12.42 5.70 -20.30
C PRO A 168 13.41 4.72 -20.94
N ALA A 169 14.61 4.68 -20.37
CA ALA A 169 15.63 3.69 -20.68
C ALA A 169 15.04 2.29 -20.64
N ALA A 170 15.54 1.43 -21.53
CA ALA A 170 15.01 0.08 -21.71
C ALA A 170 14.83 -0.71 -20.42
N HIS A 171 15.83 -0.71 -19.55
CA HIS A 171 15.77 -1.48 -18.31
C HIS A 171 14.63 -1.05 -17.39
N VAL A 172 14.30 0.24 -17.41
CA VAL A 172 13.15 0.78 -16.68
C VAL A 172 11.84 0.43 -17.41
N GLY A 173 11.82 0.59 -18.73
CA GLY A 173 10.63 0.33 -19.52
C GLY A 173 10.17 -1.11 -19.44
N ARG A 174 11.14 -2.02 -19.47
CA ARG A 174 10.91 -3.46 -19.33
C ARG A 174 10.21 -3.80 -18.00
N ALA A 175 10.64 -3.18 -16.90
CA ALA A 175 10.03 -3.42 -15.59
C ALA A 175 8.61 -2.85 -15.53
N LEU A 176 8.46 -1.63 -16.03
CA LEU A 176 7.17 -0.91 -16.05
C LEU A 176 6.11 -1.62 -16.88
N ALA A 177 6.54 -2.46 -17.82
CA ALA A 177 5.63 -3.18 -18.73
C ALA A 177 4.92 -4.37 -18.07
N THR A 178 5.34 -4.72 -16.85
CA THR A 178 4.64 -5.70 -16.03
C THR A 178 3.27 -5.18 -15.62
N GLY A 179 3.12 -3.87 -15.54
CA GLY A 179 1.84 -3.23 -15.26
C GLY A 179 1.54 -3.02 -13.78
N ILE A 180 2.34 -3.62 -12.90
CA ILE A 180 1.99 -3.70 -11.48
C ILE A 180 2.80 -2.73 -10.61
N PHE A 181 3.29 -1.67 -11.23
CA PHE A 181 3.88 -0.57 -10.46
C PHE A 181 2.76 0.30 -9.93
N GLU A 182 2.77 0.49 -8.61
CA GLU A 182 1.75 1.27 -7.91
C GLU A 182 1.92 2.76 -8.19
N ARG A 183 3.14 3.26 -8.04
CA ARG A 183 3.43 4.67 -8.28
C ARG A 183 4.76 4.89 -8.99
N VAL A 184 4.83 5.98 -9.76
CA VAL A 184 6.07 6.40 -10.40
C VAL A 184 6.32 7.87 -10.07
N HIS A 185 7.48 8.16 -9.49
CA HIS A 185 7.90 9.52 -9.25
C HIS A 185 8.70 10.03 -10.44
N VAL A 186 8.12 10.95 -11.22
CA VAL A 186 8.86 11.60 -12.30
C VAL A 186 9.68 12.77 -11.73
N ARG A 187 11.00 12.69 -11.85
CA ARG A 187 11.89 13.72 -11.34
C ARG A 187 12.02 14.86 -12.34
N THR A 188 11.46 16.02 -11.98
CA THR A 188 11.50 17.20 -12.85
C THR A 188 12.56 18.22 -12.46
N TYR A 189 13.45 17.86 -11.55
CA TYR A 189 14.35 18.85 -10.91
C TYR A 189 15.82 18.71 -11.31
N GLU A 190 16.10 17.86 -12.28
CA GLU A 190 17.48 17.63 -12.72
C GLU A 190 17.87 18.60 -13.83
N SER A 191 19.17 18.78 -14.02
CA SER A 191 19.68 19.72 -15.01
C SER A 191 19.46 19.23 -16.47
N ASP A 192 18.88 18.05 -16.64
CA ASP A 192 18.52 17.53 -17.96
C ASP A 192 17.95 18.61 -18.88
N LYS A 193 18.65 18.87 -19.98
CA LYS A 193 18.15 19.75 -21.03
C LYS A 193 16.87 19.19 -21.63
N TRP A 194 15.94 20.08 -21.96
CA TRP A 194 14.67 19.71 -22.60
C TRP A 194 13.69 18.93 -21.70
N CYS A 195 14.08 18.64 -20.46
CA CYS A 195 13.16 17.94 -19.56
C CYS A 195 13.43 18.24 -18.07
N ASN A 196 12.86 19.36 -17.63
CA ASN A 196 12.85 19.77 -16.22
C ASN A 196 11.78 20.85 -16.02
N GLN A 197 11.75 21.50 -14.86
CA GLN A 197 10.70 22.47 -14.57
C GLN A 197 10.75 23.70 -15.49
N ASN A 198 11.96 24.12 -15.84
CA ASN A 198 12.14 25.28 -16.71
C ASN A 198 11.73 25.04 -18.17
N LEU A 199 11.86 23.79 -18.64
CA LEU A 199 11.56 23.45 -20.02
C LEU A 199 11.39 21.93 -20.25
N GLY A 200 10.14 21.49 -20.38
CA GLY A 200 9.85 20.16 -20.90
C GLY A 200 8.95 19.28 -20.04
N TRP A 201 8.86 19.58 -18.75
CA TRP A 201 8.22 18.66 -17.81
C TRP A 201 6.74 18.42 -18.04
N GLU A 202 6.01 19.43 -18.53
CA GLU A 202 4.58 19.26 -18.78
C GLU A 202 4.32 18.22 -19.87
N GLY A 203 5.16 18.25 -20.91
CA GLY A 203 5.07 17.30 -22.01
C GLY A 203 5.44 15.90 -21.58
N SER A 204 6.50 15.78 -20.79
CA SER A 204 6.92 14.50 -20.25
C SER A 204 5.77 13.94 -19.41
N TRP A 205 5.24 14.79 -18.55
CA TRP A 205 4.14 14.43 -17.66
C TRP A 205 2.92 13.91 -18.42
N ASP A 206 2.66 14.47 -19.60
CA ASP A 206 1.50 14.10 -20.41
C ASP A 206 1.63 12.67 -20.96
N LYS A 207 2.81 12.34 -21.46
CA LYS A 207 3.07 11.03 -22.03
C LYS A 207 3.20 9.94 -20.97
N TRP A 208 3.89 10.23 -19.88
CA TRP A 208 4.05 9.28 -18.78
C TRP A 208 2.69 8.83 -18.26
N THR A 209 1.82 9.81 -17.95
CA THR A 209 0.52 9.54 -17.33
C THR A 209 -0.38 8.71 -18.24
N ALA A 210 -0.28 8.96 -19.55
CA ALA A 210 -1.10 8.26 -20.52
C ALA A 210 -0.63 6.83 -20.77
N ALA A 211 0.66 6.59 -20.63
CA ALA A 211 1.23 5.30 -20.99
C ALA A 211 0.95 4.24 -19.93
N TYR A 212 0.77 4.67 -18.68
CA TYR A 212 0.50 3.77 -17.55
C TYR A 212 -0.69 4.25 -16.72
N PRO A 213 -1.90 4.13 -17.29
CA PRO A 213 -3.12 4.60 -16.62
C PRO A 213 -3.42 3.89 -15.29
N ALA A 214 -2.93 2.67 -15.12
CA ALA A 214 -3.17 1.90 -13.90
C ALA A 214 -2.17 2.23 -12.77
N THR A 215 -1.28 3.20 -13.00
CA THR A 215 -0.22 3.58 -12.06
C THR A 215 -0.36 5.04 -11.69
N ARG A 216 -0.28 5.33 -10.39
CA ARG A 216 -0.31 6.70 -9.85
C ARG A 216 1.01 7.42 -10.14
N PHE A 217 0.97 8.73 -10.35
CA PHE A 217 2.17 9.48 -10.74
C PHE A 217 2.43 10.68 -9.84
N TYR A 218 3.62 10.71 -9.24
CA TYR A 218 4.03 11.78 -8.34
C TYR A 218 4.97 12.72 -9.07
N VAL A 219 4.68 14.02 -9.04
CA VAL A 219 5.58 15.00 -9.62
C VAL A 219 6.75 15.20 -8.64
N GLY A 220 7.97 15.08 -9.14
CA GLY A 220 9.16 15.06 -8.31
C GLY A 220 9.85 16.41 -8.32
N LEU A 221 9.97 17.01 -7.14
CA LEU A 221 10.51 18.36 -6.99
C LEU A 221 11.69 18.39 -6.05
N THR A 222 12.56 19.37 -6.19
CA THR A 222 13.68 19.53 -5.28
C THR A 222 13.33 20.51 -4.16
N ALA A 223 13.82 20.23 -2.95
CA ALA A 223 13.67 21.14 -1.82
C ALA A 223 14.95 21.97 -1.58
N ASP A 224 15.90 21.90 -2.51
CA ASP A 224 17.07 22.77 -2.47
C ASP A 224 16.68 24.06 -3.18
N ASP A 225 16.59 25.16 -2.42
CA ASP A 225 16.13 26.45 -2.96
C ASP A 225 17.15 27.14 -3.87
N LYS A 226 18.37 26.60 -3.90
CA LYS A 226 19.45 27.17 -4.70
C LYS A 226 19.56 26.53 -6.08
N SER A 227 18.87 25.42 -6.31
CA SER A 227 18.76 24.79 -7.63
C SER A 227 18.01 25.68 -8.61
N HIS A 228 18.41 25.67 -9.88
CA HIS A 228 17.69 26.42 -10.92
C HIS A 228 16.36 25.73 -11.32
N GLN A 229 16.22 24.47 -10.93
CA GLN A 229 14.99 23.71 -11.16
C GLN A 229 13.99 23.84 -10.02
N TRP A 230 14.41 24.50 -8.94
CA TRP A 230 13.53 24.83 -7.83
C TRP A 230 12.36 25.70 -8.30
N VAL A 231 11.16 25.37 -7.83
CA VAL A 231 9.97 26.15 -8.12
C VAL A 231 9.41 26.72 -6.80
N HIS A 232 9.42 28.04 -6.68
CA HIS A 232 8.85 28.77 -5.55
C HIS A 232 7.46 28.21 -5.20
N PRO A 233 7.18 28.05 -3.91
CA PRO A 233 5.86 27.56 -3.47
C PRO A 233 4.67 28.26 -4.13
N LYS A 234 4.78 29.55 -4.45
CA LYS A 234 3.71 30.27 -5.12
C LYS A 234 3.36 29.59 -6.44
N ASN A 235 4.38 29.37 -7.26
CA ASN A 235 4.22 28.72 -8.56
C ASN A 235 3.82 27.24 -8.51
N VAL A 236 3.97 26.58 -7.37
CA VAL A 236 3.47 25.21 -7.21
C VAL A 236 1.95 25.23 -7.09
N TYR A 237 1.46 26.02 -6.13
CA TYR A 237 0.02 26.25 -5.94
C TYR A 237 -0.68 26.67 -7.23
N TYR A 238 -0.05 27.55 -8.01
CA TYR A 238 -0.69 28.20 -9.15
C TYR A 238 -0.49 27.45 -10.47
N GLY A 239 0.62 26.70 -10.58
CA GLY A 239 1.07 26.17 -11.86
C GLY A 239 1.38 24.69 -11.90
N VAL A 240 2.26 24.22 -11.02
CA VAL A 240 2.77 22.85 -11.09
C VAL A 240 1.71 21.85 -10.67
N ALA A 241 1.14 22.04 -9.48
CA ALA A 241 0.15 21.12 -8.92
C ALA A 241 -1.18 21.09 -9.70
N PRO A 242 -1.75 22.23 -10.10
CA PRO A 242 -2.93 22.20 -10.97
C PRO A 242 -2.71 21.45 -12.29
N VAL A 243 -1.61 21.74 -12.97
CA VAL A 243 -1.28 21.10 -14.24
C VAL A 243 -1.23 19.58 -14.09
N ALA A 244 -0.50 19.12 -13.07
CA ALA A 244 -0.31 17.70 -12.82
C ALA A 244 -1.58 17.01 -12.36
N GLN A 245 -2.47 17.77 -11.71
CA GLN A 245 -3.72 17.23 -11.18
C GLN A 245 -4.82 17.16 -12.27
N LYS A 246 -4.51 17.63 -13.48
CA LYS A 246 -5.37 17.41 -14.65
C LYS A 246 -5.58 15.94 -14.96
N LYS A 247 -4.51 15.15 -14.82
CA LYS A 247 -4.55 13.74 -15.18
C LYS A 247 -5.19 12.89 -14.08
N ASP A 248 -6.01 11.92 -14.50
CA ASP A 248 -6.75 11.05 -13.57
C ASP A 248 -5.85 10.26 -12.61
N ASN A 249 -4.66 9.90 -13.07
CA ASN A 249 -3.76 9.06 -12.27
C ASN A 249 -2.69 9.87 -11.54
N TYR A 250 -3.01 11.10 -11.17
CA TYR A 250 -2.17 11.89 -10.27
C TYR A 250 -2.24 11.26 -8.88
N GLY A 251 -1.08 10.99 -8.28
CA GLY A 251 -0.99 10.41 -6.96
C GLY A 251 -0.45 11.33 -5.88
N GLY A 252 0.32 12.34 -6.28
CA GLY A 252 0.93 13.23 -5.30
C GLY A 252 2.23 13.89 -5.72
N ILE A 253 3.01 14.29 -4.71
CA ILE A 253 4.26 14.98 -4.90
C ILE A 253 5.38 14.21 -4.22
N MET A 254 6.50 14.05 -4.93
CA MET A 254 7.72 13.51 -4.36
C MET A 254 8.70 14.66 -4.17
N LEU A 255 9.44 14.61 -3.07
CA LEU A 255 10.39 15.65 -2.71
C LEU A 255 11.76 15.05 -2.48
N TRP A 256 12.74 15.53 -3.23
CA TRP A 256 14.13 15.29 -2.94
C TRP A 256 14.71 16.50 -2.19
N ASP A 257 15.08 16.38 -0.92
CA ASP A 257 14.89 15.21 -0.07
C ASP A 257 14.82 15.70 1.39
N ARG A 258 14.91 14.81 2.36
CA ARG A 258 14.76 15.22 3.76
C ARG A 258 15.85 16.20 4.23
N TYR A 259 17.07 16.05 3.74
CA TYR A 259 18.15 16.97 4.09
C TYR A 259 17.84 18.40 3.66
N PHE A 260 17.45 18.56 2.40
CA PHE A 260 17.14 19.88 1.88
C PHE A 260 15.80 20.40 2.36
N ASP A 261 14.93 19.50 2.82
CA ASP A 261 13.65 19.91 3.36
C ASP A 261 13.84 20.59 4.73
N LYS A 262 14.74 20.06 5.55
CA LYS A 262 15.11 20.70 6.83
C LYS A 262 15.74 22.09 6.62
N GLN A 263 16.40 22.29 5.48
CA GLN A 263 17.02 23.58 5.18
C GLN A 263 16.02 24.68 4.83
N THR A 264 14.91 24.33 4.19
CA THR A 264 13.98 25.34 3.69
C THR A 264 12.49 25.13 4.05
N ASN A 265 12.20 24.13 4.86
CA ASN A 265 10.83 23.69 5.15
C ASN A 265 9.89 23.80 3.93
N TYR A 266 10.33 23.23 2.81
CA TYR A 266 9.58 23.26 1.55
C TYR A 266 8.22 22.58 1.68
N SER A 267 8.22 21.40 2.29
CA SER A 267 7.01 20.62 2.48
C SER A 267 5.93 21.36 3.28
N SER A 268 6.31 22.16 4.27
CA SER A 268 5.35 22.93 5.05
C SER A 268 4.29 23.55 4.14
N LEU A 269 4.76 24.29 3.14
CA LEU A 269 3.87 24.93 2.19
C LEU A 269 3.31 23.93 1.17
N ILE A 270 4.16 23.01 0.71
CA ILE A 270 3.81 22.08 -0.37
C ILE A 270 2.76 21.03 0.00
N LYS A 271 2.75 20.58 1.25
CA LYS A 271 1.83 19.52 1.67
C LYS A 271 0.37 19.94 1.51
N TYR A 272 0.09 21.24 1.64
CA TYR A 272 -1.27 21.76 1.46
C TYR A 272 -1.68 21.76 -0.01
N TYR A 273 -0.70 21.79 -0.91
CA TYR A 273 -0.95 21.80 -2.36
C TYR A 273 -0.97 20.40 -2.99
N ALA A 274 -0.55 19.37 -2.27
CA ALA A 274 -0.42 18.03 -2.85
C ALA A 274 -1.77 17.37 -3.08
N GLN B 1 -2.99 -15.83 23.78
CA GLN B 1 -2.17 -14.62 24.04
C GLN B 1 -2.28 -13.67 22.83
N SER B 2 -2.46 -12.38 23.09
CA SER B 2 -2.76 -11.40 22.04
C SER B 2 -1.68 -11.24 20.99
N ILE B 3 -2.08 -10.78 19.80
CA ILE B 3 -1.15 -10.40 18.73
C ILE B 3 -1.41 -8.97 18.23
N THR B 4 -0.52 -8.48 17.38
CA THR B 4 -0.53 -7.07 16.98
C THR B 4 -0.06 -6.78 15.54
N THR B 5 0.47 -7.81 14.87
CA THR B 5 0.79 -7.77 13.44
C THR B 5 0.04 -8.91 12.74
N SER B 6 0.05 -8.90 11.40
CA SER B 6 -0.77 -9.81 10.62
C SER B 6 -0.38 -11.28 10.84
N GLN B 7 -1.38 -12.13 11.02
CA GLN B 7 -1.19 -13.59 10.93
C GLN B 7 -2.48 -14.38 10.81
N THR B 8 -2.36 -15.57 10.23
CA THR B 8 -3.47 -16.49 10.05
C THR B 8 -3.19 -17.82 10.77
N GLY B 9 -4.22 -18.64 10.92
CA GLY B 9 -4.10 -19.93 11.59
C GLY B 9 -5.43 -20.59 11.89
N THR B 10 -5.41 -21.57 12.79
CA THR B 10 -6.63 -22.21 13.26
C THR B 10 -6.73 -22.14 14.77
N ASN B 11 -7.92 -21.82 15.25
CA ASN B 11 -8.18 -21.65 16.68
C ASN B 11 -9.51 -22.32 17.02
N ASN B 12 -9.43 -23.46 17.71
CA ASN B 12 -10.61 -24.27 18.01
C ASN B 12 -11.40 -24.65 16.76
N GLY B 13 -10.68 -25.13 15.74
CA GLY B 13 -11.31 -25.57 14.50
C GLY B 13 -11.96 -24.47 13.67
N TYR B 14 -11.50 -23.23 13.83
CA TYR B 14 -11.93 -22.11 13.00
C TYR B 14 -10.72 -21.48 12.32
N TYR B 15 -10.84 -21.14 11.04
CA TYR B 15 -9.84 -20.32 10.37
C TYR B 15 -9.94 -18.91 10.94
N TYR B 16 -8.79 -18.30 11.24
CA TYR B 16 -8.76 -16.91 11.63
C TYR B 16 -7.76 -16.15 10.76
N SER B 17 -8.17 -14.97 10.28
CA SER B 17 -7.26 -14.06 9.62
C SER B 17 -7.28 -12.74 10.37
N PHE B 18 -6.08 -12.25 10.71
CA PHE B 18 -5.91 -10.89 11.17
C PHE B 18 -4.86 -10.23 10.29
N TRP B 19 -5.24 -9.15 9.62
CA TRP B 19 -4.31 -8.41 8.79
C TRP B 19 -4.33 -6.94 9.24
N THR B 20 -3.15 -6.34 9.31
CA THR B 20 -3.04 -4.89 9.45
C THR B 20 -1.91 -4.35 8.59
N ASN B 21 -2.04 -3.10 8.16
CA ASN B 21 -0.98 -2.46 7.39
C ASN B 21 0.06 -1.79 8.29
N GLY B 22 -0.15 -1.90 9.60
CA GLY B 22 0.80 -1.46 10.59
C GLY B 22 0.39 -0.19 11.32
N GLY B 23 -0.60 0.50 10.77
CA GLY B 23 -1.07 1.76 11.34
C GLY B 23 -1.69 1.61 12.72
N GLY B 24 -1.25 2.48 13.62
CA GLY B 24 -1.77 2.55 14.97
C GLY B 24 -1.46 1.34 15.82
N GLU B 25 -2.29 1.13 16.84
CA GLU B 25 -2.22 -0.04 17.70
C GLU B 25 -3.50 -0.85 17.57
N VAL B 26 -3.43 -1.97 16.85
CA VAL B 26 -4.53 -2.90 16.74
C VAL B 26 -4.14 -4.18 17.47
N THR B 27 -4.97 -4.61 18.42
CA THR B 27 -4.73 -5.80 19.21
C THR B 27 -5.81 -6.83 18.97
N TYR B 28 -5.40 -8.00 18.49
CA TYR B 28 -6.31 -9.08 18.15
C TYR B 28 -6.16 -10.23 19.15
N THR B 29 -7.27 -10.85 19.51
CA THR B 29 -7.26 -11.96 20.45
C THR B 29 -8.32 -12.98 20.05
N ASN B 30 -7.93 -14.26 20.05
CA ASN B 30 -8.88 -15.34 19.84
C ASN B 30 -9.44 -15.83 21.16
N GLY B 31 -10.75 -16.03 21.20
CA GLY B 31 -11.41 -16.66 22.33
C GLY B 31 -11.75 -18.10 22.01
N ASP B 32 -12.64 -18.69 22.81
CA ASP B 32 -13.07 -20.06 22.64
C ASP B 32 -14.19 -20.15 21.59
N ASN B 33 -14.38 -21.35 21.03
CA ASN B 33 -15.60 -21.70 20.29
C ASN B 33 -16.12 -20.66 19.28
N GLY B 34 -15.19 -20.00 18.57
CA GLY B 34 -15.55 -19.08 17.50
C GLY B 34 -15.55 -17.59 17.82
N GLU B 35 -15.12 -17.21 19.02
CA GLU B 35 -15.04 -15.80 19.41
C GLU B 35 -13.70 -15.22 19.00
N TYR B 36 -13.69 -13.92 18.68
CA TYR B 36 -12.47 -13.15 18.60
C TYR B 36 -12.75 -11.74 19.10
N SER B 37 -11.70 -10.99 19.37
CA SER B 37 -11.84 -9.65 19.94
C SER B 37 -10.75 -8.74 19.41
N VAL B 38 -11.13 -7.54 19.00
CA VAL B 38 -10.18 -6.56 18.53
C VAL B 38 -10.42 -5.21 19.20
N THR B 39 -9.35 -4.65 19.74
CA THR B 39 -9.38 -3.28 20.22
C THR B 39 -8.35 -2.52 19.42
N TRP B 40 -8.70 -1.30 19.03
CA TRP B 40 -7.87 -0.53 18.13
C TRP B 40 -7.86 0.96 18.47
N VAL B 41 -6.74 1.61 18.14
CA VAL B 41 -6.51 3.01 18.47
C VAL B 41 -5.78 3.68 17.29
N ASP B 42 -6.45 4.63 16.64
CA ASP B 42 -5.91 5.33 15.47
C ASP B 42 -5.27 4.38 14.47
N CYS B 43 -6.01 3.36 14.06
CA CYS B 43 -5.52 2.38 13.11
C CYS B 43 -5.33 3.04 11.75
N GLY B 44 -4.72 2.30 10.81
CA GLY B 44 -4.74 2.64 9.41
C GLY B 44 -5.83 1.84 8.74
N ASP B 45 -5.54 0.57 8.45
CA ASP B 45 -6.55 -0.36 7.94
C ASP B 45 -6.24 -1.75 8.49
N PHE B 46 -7.25 -2.43 8.98
CA PHE B 46 -7.06 -3.80 9.43
C PHE B 46 -8.33 -4.60 9.20
N THR B 47 -8.17 -5.89 8.97
CA THR B 47 -9.31 -6.81 8.89
C THR B 47 -9.06 -7.88 9.93
N SER B 48 -10.12 -8.56 10.36
CA SER B 48 -10.03 -9.46 11.50
C SER B 48 -11.29 -10.28 11.67
N GLY B 49 -11.14 -11.53 12.07
CA GLY B 49 -12.28 -12.39 12.33
C GLY B 49 -12.03 -13.85 12.09
N LYS B 50 -13.06 -14.65 12.37
CA LYS B 50 -13.02 -16.09 12.22
C LYS B 50 -14.05 -16.56 11.20
N GLY B 51 -13.84 -17.80 10.72
CA GLY B 51 -14.67 -18.40 9.69
C GLY B 51 -14.17 -19.78 9.29
N TRP B 52 -14.07 -20.00 7.98
CA TRP B 52 -13.58 -21.27 7.43
C TRP B 52 -12.58 -20.96 6.32
N ASN B 53 -11.52 -21.76 6.22
CA ASN B 53 -10.54 -21.52 5.14
C ASN B 53 -11.08 -22.04 3.79
N PRO B 54 -10.88 -23.29 3.40
CA PRO B 54 -11.51 -23.74 2.15
C PRO B 54 -13.02 -23.77 2.39
N ALA B 55 -13.63 -22.60 2.28
CA ALA B 55 -14.96 -22.35 2.84
C ALA B 55 -16.05 -22.61 1.82
N ASN B 56 -17.04 -23.42 2.20
CA ASN B 56 -18.26 -23.56 1.41
C ASN B 56 -19.06 -22.26 1.49
N ALA B 57 -20.27 -22.26 0.93
CA ALA B 57 -21.18 -21.13 1.12
C ALA B 57 -21.88 -21.32 2.47
N GLN B 58 -21.15 -21.07 3.55
CA GLN B 58 -21.62 -21.42 4.89
C GLN B 58 -22.77 -20.53 5.35
N THR B 59 -23.68 -21.14 6.10
CA THR B 59 -24.79 -20.45 6.72
C THR B 59 -24.29 -19.93 8.06
N VAL B 60 -23.96 -18.64 8.07
CA VAL B 60 -23.19 -18.04 9.16
C VAL B 60 -24.05 -17.61 10.36
N THR B 61 -23.70 -18.12 11.53
CA THR B 61 -24.38 -17.75 12.78
C THR B 61 -23.44 -16.94 13.67
N TYR B 62 -23.61 -15.62 13.68
CA TYR B 62 -22.75 -14.73 14.48
C TYR B 62 -23.51 -13.92 15.52
N SER B 63 -22.76 -13.34 16.45
CA SER B 63 -23.31 -12.54 17.55
C SER B 63 -22.20 -11.78 18.27
N GLY B 64 -22.54 -10.65 18.91
CA GLY B 64 -21.60 -9.93 19.75
C GLY B 64 -21.77 -8.42 19.75
N GLU B 65 -20.72 -7.69 20.14
CA GLU B 65 -20.73 -6.23 20.15
C GLU B 65 -19.69 -5.66 19.20
N PHE B 66 -20.08 -4.62 18.48
CA PHE B 66 -19.25 -3.98 17.47
C PHE B 66 -19.37 -2.48 17.73
N ASN B 67 -18.38 -1.93 18.41
CA ASN B 67 -18.43 -0.55 18.88
C ASN B 67 -17.29 0.30 18.32
N PRO B 68 -17.39 0.67 17.05
CA PRO B 68 -16.44 1.62 16.47
C PRO B 68 -16.73 3.04 16.89
N SER B 69 -15.66 3.79 17.12
CA SER B 69 -15.73 5.23 17.33
C SER B 69 -15.03 5.84 16.12
N GLY B 70 -15.78 5.96 15.03
CA GLY B 70 -15.23 6.36 13.75
C GLY B 70 -15.65 5.39 12.66
N ASN B 71 -14.80 5.24 11.63
CA ASN B 71 -15.13 4.42 10.47
C ASN B 71 -14.68 2.98 10.66
N ALA B 72 -15.61 2.04 10.50
CA ALA B 72 -15.32 0.62 10.58
C ALA B 72 -16.44 -0.21 9.97
N TYR B 73 -16.16 -1.48 9.69
CA TYR B 73 -17.13 -2.36 9.05
C TYR B 73 -17.25 -3.69 9.79
N LEU B 74 -18.44 -4.27 9.74
CA LEU B 74 -18.73 -5.57 10.33
C LEU B 74 -19.49 -6.37 9.28
N ALA B 75 -18.75 -7.06 8.42
CA ALA B 75 -19.33 -7.75 7.30
C ALA B 75 -19.00 -9.23 7.31
N VAL B 76 -19.83 -10.02 6.62
CA VAL B 76 -19.43 -11.36 6.21
C VAL B 76 -18.56 -11.13 5.01
N TYR B 77 -17.26 -11.37 5.18
CA TYR B 77 -16.23 -10.89 4.28
C TYR B 77 -15.47 -12.09 3.73
N GLY B 78 -15.14 -12.05 2.43
CA GLY B 78 -14.43 -13.17 1.78
C GLY B 78 -13.91 -12.90 0.39
N TRP B 79 -13.13 -13.86 -0.14
CA TRP B 79 -12.49 -13.72 -1.44
C TRP B 79 -12.72 -14.96 -2.29
N THR B 80 -12.75 -14.77 -3.61
CA THR B 80 -12.63 -15.90 -4.53
C THR B 80 -11.34 -15.75 -5.34
N THR B 81 -11.04 -16.77 -6.13
CA THR B 81 -9.86 -16.80 -6.97
C THR B 81 -10.24 -17.40 -8.31
N ASP B 82 -9.76 -16.79 -9.40
CA ASP B 82 -10.12 -17.18 -10.77
C ASP B 82 -11.63 -17.07 -11.03
N PRO B 83 -12.16 -15.86 -11.21
CA PRO B 83 -11.42 -14.60 -11.06
C PRO B 83 -11.33 -14.12 -9.59
N LEU B 84 -10.40 -13.21 -9.36
CA LEU B 84 -10.19 -12.63 -8.04
C LEU B 84 -11.36 -11.70 -7.70
N VAL B 85 -11.96 -11.92 -6.54
CA VAL B 85 -13.00 -11.04 -6.03
C VAL B 85 -12.86 -10.84 -4.53
N GLU B 86 -13.26 -9.66 -4.05
CA GLU B 86 -13.38 -9.40 -2.62
C GLU B 86 -14.84 -9.01 -2.35
N TYR B 87 -15.56 -9.81 -1.54
CA TYR B 87 -16.97 -9.53 -1.24
C TYR B 87 -17.20 -9.15 0.22
N TYR B 88 -18.10 -8.18 0.42
CA TYR B 88 -18.56 -7.72 1.73
C TYR B 88 -20.08 -7.92 1.81
N ILE B 89 -20.55 -8.63 2.82
CA ILE B 89 -21.98 -8.59 3.17
C ILE B 89 -22.04 -7.79 4.46
N LEU B 90 -22.14 -6.47 4.31
CA LEU B 90 -22.07 -5.53 5.41
C LEU B 90 -23.32 -5.59 6.30
N GLU B 91 -23.12 -5.95 7.57
CA GLU B 91 -24.19 -6.00 8.55
C GLU B 91 -24.34 -4.66 9.26
N SER B 92 -23.20 -4.07 9.65
CA SER B 92 -23.20 -2.76 10.30
C SER B 92 -21.93 -1.99 9.97
N TYR B 93 -21.96 -0.69 10.25
CA TYR B 93 -20.79 0.18 10.05
C TYR B 93 -20.82 1.37 11.01
N GLY B 94 -19.75 2.12 11.03
CA GLY B 94 -19.61 3.25 11.94
C GLY B 94 -20.12 4.52 11.29
N THR B 95 -19.24 5.52 11.21
CA THR B 95 -19.64 6.88 10.83
C THR B 95 -19.63 7.16 9.32
N TYR B 96 -19.64 6.12 8.48
CA TYR B 96 -19.50 6.32 7.04
C TYR B 96 -19.93 5.07 6.25
N ASN B 97 -20.91 5.25 5.38
CA ASN B 97 -21.34 4.21 4.45
C ASN B 97 -20.20 3.92 3.46
N PRO B 98 -19.70 2.68 3.43
CA PRO B 98 -18.58 2.34 2.53
C PRO B 98 -18.96 2.47 1.06
N SER B 99 -20.26 2.41 0.77
CA SER B 99 -20.80 2.83 -0.52
C SER B 99 -21.22 4.30 -0.44
N SER B 100 -20.24 5.20 -0.55
CA SER B 100 -20.48 6.64 -0.40
C SER B 100 -20.94 7.25 -1.72
N GLY B 101 -20.11 7.09 -2.75
CA GLY B 101 -20.38 7.67 -4.06
C GLY B 101 -20.27 6.63 -5.16
N LEU B 102 -20.97 5.52 -4.98
CA LEU B 102 -21.07 4.48 -5.99
C LEU B 102 -22.44 4.58 -6.65
N THR B 103 -22.53 4.20 -7.93
CA THR B 103 -23.81 4.19 -8.62
C THR B 103 -24.73 3.25 -7.85
N SER B 104 -25.79 3.82 -7.28
CA SER B 104 -26.67 3.07 -6.39
C SER B 104 -27.30 1.88 -7.10
N LEU B 105 -27.20 0.71 -6.47
CA LEU B 105 -27.81 -0.52 -6.98
C LEU B 105 -28.44 -1.33 -5.82
N GLY B 106 -29.42 -2.18 -6.15
CA GLY B 106 -30.04 -3.09 -5.20
C GLY B 106 -31.21 -3.86 -5.82
N GLN B 107 -31.89 -4.74 -5.09
CA GLN B 107 -31.59 -5.14 -3.71
C GLN B 107 -31.84 -6.66 -3.54
N VAL B 108 -31.67 -7.18 -2.32
CA VAL B 108 -31.90 -8.61 -2.03
C VAL B 108 -32.44 -8.83 -0.62
N THR B 109 -33.42 -9.74 -0.48
CA THR B 109 -33.93 -10.12 0.84
C THR B 109 -33.23 -11.38 1.36
N SER B 110 -32.96 -11.43 2.67
CA SER B 110 -32.31 -12.59 3.28
C SER B 110 -32.36 -12.60 4.82
N ASP B 111 -32.74 -13.74 5.39
CA ASP B 111 -32.70 -13.98 6.84
C ASP B 111 -33.46 -12.95 7.68
N GLY B 112 -34.49 -12.35 7.10
CA GLY B 112 -35.15 -11.20 7.70
C GLY B 112 -34.29 -9.96 7.44
N GLY B 113 -34.93 -8.87 7.05
CA GLY B 113 -34.21 -7.64 6.72
C GLY B 113 -33.52 -7.71 5.37
N THR B 114 -33.42 -6.56 4.72
CA THR B 114 -33.00 -6.47 3.33
C THR B 114 -31.62 -5.83 3.21
N TYR B 115 -31.00 -5.99 2.05
CA TYR B 115 -29.66 -5.50 1.78
C TYR B 115 -29.64 -4.63 0.51
N ASP B 116 -28.45 -4.49 -0.08
CA ASP B 116 -28.21 -3.58 -1.20
C ASP B 116 -26.98 -4.07 -1.95
N ILE B 117 -26.98 -3.95 -3.27
CA ILE B 117 -25.87 -4.49 -4.07
C ILE B 117 -25.06 -3.37 -4.73
N TYR B 118 -23.73 -3.43 -4.60
CA TYR B 118 -22.85 -2.55 -5.35
C TYR B 118 -21.65 -3.32 -5.92
N SER B 119 -20.91 -2.66 -6.80
CA SER B 119 -19.70 -3.22 -7.40
C SER B 119 -18.77 -2.10 -7.82
N THR B 120 -17.46 -2.33 -7.70
CA THR B 120 -16.48 -1.29 -8.00
C THR B 120 -15.07 -1.88 -8.22
N GLN B 121 -14.32 -1.31 -9.17
CA GLN B 121 -13.03 -1.89 -9.55
C GLN B 121 -11.88 -1.34 -8.69
N ARG B 122 -11.02 -2.26 -8.22
CA ARG B 122 -9.78 -1.90 -7.54
C ARG B 122 -8.66 -2.12 -8.55
N VAL B 123 -7.85 -1.10 -8.80
CA VAL B 123 -6.82 -1.21 -9.83
C VAL B 123 -5.44 -1.07 -9.21
N ASN B 124 -4.59 -2.08 -9.45
CA ASN B 124 -3.26 -2.18 -8.88
C ASN B 124 -3.30 -2.00 -7.35
N GLN B 125 -4.14 -2.81 -6.72
CA GLN B 125 -4.36 -2.79 -5.28
C GLN B 125 -3.83 -4.08 -4.63
N PRO B 126 -3.53 -4.02 -3.34
CA PRO B 126 -3.14 -5.23 -2.60
C PRO B 126 -4.33 -6.17 -2.38
N SER B 127 -4.03 -7.46 -2.29
CA SER B 127 -5.03 -8.51 -2.17
C SER B 127 -4.40 -9.76 -1.57
N ILE B 128 -5.18 -10.82 -1.45
CA ILE B 128 -4.65 -12.09 -0.98
C ILE B 128 -3.58 -12.68 -1.92
N GLU B 129 -3.64 -12.30 -3.20
CA GLU B 129 -2.69 -12.80 -4.21
C GLU B 129 -1.61 -11.82 -4.63
N GLY B 130 -1.59 -10.63 -4.03
CA GLY B 130 -0.63 -9.59 -4.40
C GLY B 130 -1.27 -8.47 -5.19
N THR B 131 -0.45 -7.70 -5.91
CA THR B 131 -0.95 -6.59 -6.69
C THR B 131 -1.86 -7.12 -7.79
N SER B 132 -3.13 -6.74 -7.74
CA SER B 132 -4.11 -7.22 -8.68
C SER B 132 -5.13 -6.16 -9.06
N THR B 133 -5.88 -6.45 -10.13
CA THR B 133 -7.00 -5.65 -10.55
C THR B 133 -8.25 -6.52 -10.52
N PHE B 134 -9.16 -6.22 -9.61
CA PHE B 134 -10.34 -7.04 -9.32
C PHE B 134 -11.51 -6.16 -8.93
N ASN B 135 -12.72 -6.73 -8.96
CA ASN B 135 -13.92 -6.04 -8.46
C ASN B 135 -14.10 -6.37 -6.99
N GLN B 136 -14.66 -5.41 -6.25
CA GLN B 136 -15.09 -5.61 -4.86
C GLN B 136 -16.60 -5.38 -4.80
N TYR B 137 -17.34 -6.44 -4.45
CA TYR B 137 -18.80 -6.34 -4.37
C TYR B 137 -19.28 -5.96 -2.96
N TRP B 138 -20.55 -5.60 -2.85
CA TRP B 138 -21.13 -5.23 -1.57
C TRP B 138 -22.55 -5.76 -1.39
N SER B 139 -22.92 -5.98 -0.14
CA SER B 139 -24.29 -6.26 0.27
C SER B 139 -24.52 -5.41 1.51
N VAL B 140 -24.82 -4.13 1.30
CA VAL B 140 -25.03 -3.18 2.40
C VAL B 140 -26.44 -3.31 2.95
N ARG B 141 -26.59 -3.05 4.25
CA ARG B 141 -27.90 -3.07 4.89
C ARG B 141 -28.38 -1.64 5.12
N THR B 142 -29.62 -1.34 4.73
CA THR B 142 -30.22 -0.02 4.95
C THR B 142 -30.65 0.16 6.43
N GLU B 143 -30.66 -0.94 7.17
CA GLU B 143 -30.80 -0.93 8.63
C GLU B 143 -29.67 -1.76 9.27
N LYS B 144 -28.99 -1.19 10.26
CA LYS B 144 -27.84 -1.86 10.89
C LYS B 144 -28.29 -2.94 11.87
N ARG B 145 -27.54 -4.03 11.93
CA ARG B 145 -27.70 -5.03 12.98
C ARG B 145 -26.35 -5.67 13.33
N VAL B 146 -26.21 -6.06 14.60
CA VAL B 146 -25.01 -6.71 15.09
C VAL B 146 -25.41 -8.01 15.76
N GLY B 147 -25.55 -9.04 14.94
CA GLY B 147 -25.92 -10.37 15.39
C GLY B 147 -27.12 -10.84 14.61
N GLY B 148 -27.18 -12.15 14.34
CA GLY B 148 -28.24 -12.74 13.54
C GLY B 148 -27.72 -13.82 12.63
N THR B 149 -28.41 -14.03 11.52
CA THR B 149 -28.01 -15.03 10.55
C THR B 149 -27.84 -14.41 9.16
N VAL B 150 -26.78 -14.82 8.48
CA VAL B 150 -26.52 -14.44 7.09
C VAL B 150 -26.21 -15.72 6.33
N THR B 151 -27.19 -16.20 5.57
CA THR B 151 -27.03 -17.42 4.78
C THR B 151 -26.34 -17.04 3.48
N THR B 152 -25.03 -17.22 3.44
CA THR B 152 -24.22 -16.70 2.35
C THR B 152 -24.60 -17.25 0.97
N ALA B 153 -25.31 -18.38 0.92
CA ALA B 153 -25.75 -18.95 -0.36
C ALA B 153 -26.65 -17.99 -1.15
N ASN B 154 -27.48 -17.23 -0.44
CA ASN B 154 -28.43 -16.30 -1.06
C ASN B 154 -27.79 -15.03 -1.62
N HIS B 155 -26.73 -14.54 -0.98
CA HIS B 155 -26.04 -13.34 -1.45
C HIS B 155 -25.23 -13.65 -2.70
N PHE B 156 -24.52 -14.77 -2.66
CA PHE B 156 -23.72 -15.24 -3.79
C PHE B 156 -24.58 -15.47 -5.03
N ALA B 157 -25.69 -16.17 -4.86
CA ALA B 157 -26.56 -16.54 -5.97
C ALA B 157 -27.31 -15.35 -6.55
N ALA B 158 -27.47 -14.29 -5.76
CA ALA B 158 -28.17 -13.08 -6.20
C ALA B 158 -27.25 -12.16 -7.00
N TRP B 159 -25.96 -12.13 -6.65
CA TRP B 159 -24.97 -11.37 -7.40
C TRP B 159 -24.73 -12.02 -8.76
N LYS B 160 -24.63 -13.35 -8.74
CA LYS B 160 -24.42 -14.16 -9.94
C LYS B 160 -25.65 -14.16 -10.84
N ALA B 161 -26.82 -13.89 -10.26
CA ALA B 161 -28.05 -13.74 -11.04
C ALA B 161 -27.96 -12.51 -11.94
N LEU B 162 -27.37 -11.44 -11.40
CA LEU B 162 -27.01 -10.26 -12.21
C LEU B 162 -25.58 -10.42 -12.73
N GLY B 163 -25.00 -9.34 -13.26
CA GLY B 163 -23.78 -9.45 -14.05
C GLY B 163 -22.48 -9.39 -13.30
N LEU B 164 -22.27 -10.32 -12.36
CA LEU B 164 -21.09 -10.34 -11.49
C LEU B 164 -20.64 -11.78 -11.15
N GLU B 165 -19.58 -12.24 -11.82
CA GLU B 165 -19.01 -13.58 -11.60
C GLU B 165 -18.32 -13.71 -10.23
N MET B 166 -18.10 -14.97 -9.82
CA MET B 166 -17.48 -15.25 -8.51
C MET B 166 -16.10 -15.94 -8.67
N GLY B 167 -16.06 -17.28 -8.56
CA GLY B 167 -14.80 -18.03 -8.56
C GLY B 167 -14.73 -19.06 -7.44
N THR B 168 -13.57 -19.70 -7.30
CA THR B 168 -13.36 -20.70 -6.25
C THR B 168 -13.17 -20.03 -4.88
N TYR B 169 -13.92 -20.51 -3.88
CA TYR B 169 -13.86 -19.94 -2.53
C TYR B 169 -12.51 -20.16 -1.88
N ASN B 170 -11.98 -19.13 -1.22
CA ASN B 170 -10.68 -19.20 -0.54
C ASN B 170 -10.82 -19.03 0.98
N TYR B 171 -11.54 -18.00 1.41
CA TYR B 171 -11.85 -17.85 2.83
C TYR B 171 -13.03 -16.90 3.04
N MET B 172 -13.78 -17.14 4.11
CA MET B 172 -14.93 -16.31 4.45
C MET B 172 -15.03 -16.20 5.96
N ILE B 173 -14.80 -15.00 6.49
CA ILE B 173 -14.89 -14.74 7.92
C ILE B 173 -15.92 -13.65 8.21
N VAL B 174 -16.27 -13.48 9.49
CA VAL B 174 -17.05 -12.33 9.90
C VAL B 174 -16.03 -11.30 10.32
N SER B 175 -15.78 -10.35 9.43
CA SER B 175 -14.69 -9.38 9.57
C SER B 175 -15.09 -8.13 10.36
N THR B 176 -14.33 -7.83 11.41
CA THR B 176 -14.28 -6.47 11.96
C THR B 176 -13.10 -5.77 11.29
N GLU B 177 -13.37 -4.64 10.64
CA GLU B 177 -12.38 -3.90 9.89
C GLU B 177 -12.43 -2.42 10.25
N GLY B 178 -11.31 -1.88 10.74
CA GLY B 178 -11.22 -0.46 11.07
C GLY B 178 -10.47 0.29 9.98
N TYR B 179 -10.90 1.52 9.69
CA TYR B 179 -10.22 2.40 8.75
C TYR B 179 -10.02 3.78 9.36
N GLU B 180 -8.78 4.06 9.77
CA GLU B 180 -8.41 5.35 10.37
C GLU B 180 -9.37 5.70 11.51
N SER B 181 -9.51 4.78 12.45
CA SER B 181 -10.43 4.95 13.59
C SER B 181 -9.93 4.25 14.87
N SER B 182 -10.72 4.37 15.93
CA SER B 182 -10.51 3.58 17.15
C SER B 182 -11.80 2.80 17.42
N GLY B 183 -11.77 1.96 18.44
CA GLY B 183 -12.93 1.16 18.77
C GLY B 183 -12.61 -0.19 19.37
N SER B 184 -13.63 -1.05 19.38
CA SER B 184 -13.58 -2.35 20.01
C SER B 184 -14.66 -3.23 19.41
N SER B 185 -14.44 -4.54 19.38
CA SER B 185 -15.39 -5.46 18.77
C SER B 185 -15.16 -6.89 19.26
N THR B 186 -16.22 -7.54 19.70
CA THR B 186 -16.13 -8.92 20.14
C THR B 186 -17.24 -9.70 19.48
N ILE B 187 -16.88 -10.41 18.41
CA ILE B 187 -17.81 -11.15 17.57
C ILE B 187 -17.57 -12.65 17.74
N THR B 188 -18.64 -13.43 17.68
CA THR B 188 -18.58 -14.88 17.89
C THR B 188 -19.35 -15.60 16.80
N VAL B 189 -18.62 -16.27 15.90
CA VAL B 189 -19.23 -17.03 14.83
C VAL B 189 -19.46 -18.49 15.26
N SER B 190 -20.35 -19.14 14.53
CA SER B 190 -20.75 -20.51 14.80
C SER B 190 -21.01 -21.21 13.45
#